data_3OU1
#
_entry.id   3OU1
#
_cell.length_a   45.018
_cell.length_b   45.018
_cell.length_c   104.476
_cell.angle_alpha   90.00
_cell.angle_beta   90.00
_cell.angle_gamma   90.00
#
_symmetry.space_group_name_H-M   'P 41'
#
loop_
_entity.id
_entity.type
_entity.pdbx_description
1 polymer 'MDR HIV-1 protease'
2 polymer 'MDR HIV-1 protease'
3 polymer 'RH/IN substrate peptide'
4 water water
#
loop_
_entity_poly.entity_id
_entity_poly.type
_entity_poly.pdbx_seq_one_letter_code
_entity_poly.pdbx_strand_id
1 'polypeptide(L)'
;PQITLWQRPIVTIKIGGQLKEALLNTGADDTVLEEVNLPGRWKPKLIGGIGGFVKVRQYDQVPIEICGHKVIGTVLVGPT
PTNVIGRNLMTQIGCTLNF
;
A
2 'polypeptide(L)'
;PQITLWQRPIVTIKIGGQLKEALLNTGADDTVLEEVNLPGRWKPKLIGGIGGFVKVRQYDQVPIEICGHKTIGTVLVGPT
PTNVIGRNLMTQIGCTLNF
;
B
3 'polypeptide(L)' KVLFLDG P
#
# COMPACT_ATOMS: atom_id res chain seq x y z
N PRO A 1 -10.21 -14.17 -6.71
CA PRO A 1 -9.88 -14.76 -5.42
C PRO A 1 -10.15 -13.83 -4.25
N GLN A 2 -10.05 -14.38 -3.04
CA GLN A 2 -10.07 -13.59 -1.83
C GLN A 2 -8.69 -13.74 -1.20
N ILE A 3 -8.02 -12.61 -1.04
CA ILE A 3 -6.63 -12.63 -0.55
C ILE A 3 -6.65 -12.05 0.86
N THR A 4 -6.26 -12.85 1.85
CA THR A 4 -6.15 -12.37 3.21
C THR A 4 -4.78 -11.69 3.36
N LEU A 5 -4.56 -10.98 4.47
CA LEU A 5 -3.45 -10.03 4.52
C LEU A 5 -2.40 -10.37 5.59
N TRP A 6 -2.36 -11.65 5.97
CA TRP A 6 -1.40 -12.10 6.99
C TRP A 6 -0.02 -12.11 6.40
N GLN A 7 0.06 -12.30 5.08
CA GLN A 7 1.33 -12.17 4.38
C GLN A 7 1.19 -11.05 3.35
N ARG A 8 2.32 -10.62 2.80
CA ARG A 8 2.28 -9.58 1.73
C ARG A 8 1.56 -10.13 0.50
N PRO A 9 0.62 -9.35 -0.08
CA PRO A 9 -0.19 -9.87 -1.18
C PRO A 9 0.54 -9.79 -2.51
N ILE A 10 1.49 -10.70 -2.66
CA ILE A 10 2.29 -10.78 -3.87
C ILE A 10 1.61 -11.76 -4.83
N VAL A 11 1.47 -11.33 -6.08
CA VAL A 11 0.78 -12.11 -7.08
C VAL A 11 1.65 -12.21 -8.33
N THR A 12 1.31 -13.18 -9.17
CA THR A 12 1.97 -13.32 -10.46
C THR A 12 1.28 -12.45 -11.49
N ILE A 13 2.06 -11.72 -12.25
CA ILE A 13 1.52 -10.96 -13.36
C ILE A 13 2.18 -11.46 -14.64
N LYS A 14 1.50 -11.23 -15.77
CA LYS A 14 2.10 -11.48 -17.06
C LYS A 14 2.11 -10.17 -17.82
N ILE A 15 3.29 -9.74 -18.22
CA ILE A 15 3.47 -8.47 -18.91
C ILE A 15 4.72 -8.48 -19.78
N GLY A 16 4.63 -7.83 -20.94
CA GLY A 16 5.79 -7.67 -21.84
C GLY A 16 6.45 -9.00 -22.15
N GLY A 17 5.60 -10.01 -22.38
CA GLY A 17 6.02 -11.40 -22.60
C GLY A 17 6.75 -12.09 -21.45
N GLN A 18 6.63 -11.56 -20.23
CA GLN A 18 7.35 -12.12 -19.07
C GLN A 18 6.39 -12.40 -17.93
N LEU A 19 6.70 -13.43 -17.13
CA LEU A 19 6.04 -13.65 -15.85
C LEU A 19 6.83 -12.94 -14.77
N LYS A 20 6.14 -12.12 -13.97
CA LYS A 20 6.77 -11.34 -12.90
C LYS A 20 5.91 -11.44 -11.63
N GLU A 21 6.50 -11.09 -10.50
CA GLU A 21 5.79 -11.06 -9.21
C GLU A 21 5.63 -9.61 -8.83
N ALA A 22 4.47 -9.26 -8.27
CA ALA A 22 4.25 -7.88 -7.86
C ALA A 22 3.30 -7.82 -6.67
N LEU A 23 3.39 -6.72 -5.93
CA LEU A 23 2.67 -6.57 -4.68
C LEU A 23 1.40 -5.78 -4.95
N LEU A 24 0.25 -6.34 -4.57
CA LEU A 24 -1.03 -5.61 -4.66
C LEU A 24 -1.02 -4.54 -3.55
N ASN A 25 -0.88 -3.28 -3.94
CA ASN A 25 -0.56 -2.19 -3.01
C ASN A 25 -1.61 -1.07 -3.04
N THR A 26 -2.58 -1.14 -2.14
CA THR A 26 -3.66 -0.14 -2.07
C THR A 26 -3.13 1.25 -1.66
N GLY A 27 -1.92 1.30 -1.10
CA GLY A 27 -1.29 2.57 -0.75
C GLY A 27 -0.62 3.25 -1.93
N ALA A 28 -0.61 2.59 -3.10
CA ALA A 28 0.11 3.14 -4.27
C ALA A 28 -0.89 3.60 -5.31
N ASP A 29 -0.77 4.84 -5.80
CA ASP A 29 -1.72 5.28 -6.83
C ASP A 29 -1.47 4.57 -8.15
N ASP A 30 -0.18 4.35 -8.45
CA ASP A 30 0.26 3.85 -9.73
C ASP A 30 0.96 2.51 -9.66
N THR A 31 1.14 1.92 -10.83
CA THR A 31 1.79 0.63 -10.98
C THR A 31 3.20 0.88 -11.49
N VAL A 32 4.19 0.36 -10.77
CA VAL A 32 5.61 0.56 -11.16
C VAL A 32 6.31 -0.79 -11.20
N LEU A 33 6.91 -1.10 -12.34
CA LEU A 33 7.63 -2.36 -12.52
C LEU A 33 9.05 -2.12 -12.99
N GLU A 34 9.97 -2.95 -12.51
CA GLU A 34 11.40 -2.97 -12.86
C GLU A 34 11.67 -4.02 -13.97
N GLU A 35 12.65 -3.73 -14.83
CA GLU A 35 13.17 -4.71 -15.79
C GLU A 35 12.06 -5.43 -16.59
N VAL A 36 11.28 -4.63 -17.29
CA VAL A 36 10.35 -5.11 -18.30
C VAL A 36 10.66 -4.27 -19.52
N ASN A 37 10.57 -4.87 -20.70
CA ASN A 37 10.77 -4.13 -21.93
C ASN A 37 9.41 -4.02 -22.60
N LEU A 38 8.90 -2.81 -22.67
CA LEU A 38 7.59 -2.58 -23.30
C LEU A 38 7.81 -1.84 -24.61
N PRO A 39 7.06 -2.23 -25.65
CA PRO A 39 7.17 -1.62 -26.97
C PRO A 39 6.46 -0.28 -27.11
N GLY A 40 6.90 0.52 -28.06
CA GLY A 40 6.14 1.68 -28.47
C GLY A 40 6.44 2.93 -27.69
N ARG A 41 5.58 3.92 -27.79
CA ARG A 41 5.91 5.22 -27.26
C ARG A 41 5.61 5.35 -25.77
N TRP A 42 6.31 6.26 -25.12
CA TRP A 42 6.17 6.52 -23.69
C TRP A 42 6.47 7.98 -23.46
N LYS A 43 6.13 8.47 -22.28
CA LYS A 43 6.54 9.82 -21.89
C LYS A 43 7.12 9.71 -20.49
N PRO A 44 8.06 10.60 -20.15
CA PRO A 44 8.61 10.52 -18.81
C PRO A 44 7.57 10.99 -17.78
N LYS A 45 7.72 10.49 -16.56
CA LYS A 45 6.86 10.87 -15.48
C LYS A 45 7.78 10.95 -14.28
N LEU A 46 7.55 11.95 -13.43
CA LEU A 46 8.26 12.07 -12.16
C LEU A 46 7.40 11.50 -11.06
N ILE A 47 7.93 10.54 -10.32
CA ILE A 47 7.19 9.94 -9.21
C ILE A 47 7.96 10.08 -7.89
N GLY A 48 7.32 9.69 -6.79
CA GLY A 48 7.95 9.85 -5.47
C GLY A 48 7.92 11.31 -5.11
N GLY A 49 9.06 11.88 -4.77
CA GLY A 49 9.10 13.31 -4.48
C GLY A 49 9.78 13.67 -3.17
N ILE A 50 9.68 12.77 -2.19
CA ILE A 50 10.24 13.08 -0.88
C ILE A 50 11.74 12.86 -0.97
N GLY A 51 12.50 13.96 -0.91
CA GLY A 51 13.96 13.92 -1.08
C GLY A 51 14.43 14.08 -2.52
N GLY A 52 13.45 14.19 -3.42
CA GLY A 52 13.73 14.30 -4.85
C GLY A 52 12.73 13.41 -5.55
N PHE A 53 12.56 13.62 -6.86
CA PHE A 53 11.68 12.76 -7.64
C PHE A 53 12.51 11.73 -8.37
N VAL A 54 11.84 10.66 -8.77
CA VAL A 54 12.42 9.62 -9.63
C VAL A 54 11.76 9.73 -11.00
N LYS A 55 12.57 9.71 -12.05
CA LYS A 55 12.01 9.73 -13.39
C LYS A 55 11.80 8.31 -13.89
N VAL A 56 10.60 8.04 -14.40
CA VAL A 56 10.29 6.74 -14.96
C VAL A 56 9.63 6.93 -16.35
N ARG A 57 9.42 5.85 -17.06
CA ARG A 57 8.76 5.95 -18.37
C ARG A 57 7.32 5.49 -18.18
N GLN A 58 6.39 6.32 -18.64
CA GLN A 58 4.97 5.99 -18.52
C GLN A 58 4.50 5.41 -19.85
N TYR A 59 4.03 4.17 -19.80
CA TYR A 59 3.42 3.51 -20.95
C TYR A 59 1.94 3.38 -20.69
N ASP A 60 1.15 3.73 -21.72
CA ASP A 60 -0.30 3.73 -21.55
C ASP A 60 -0.94 2.55 -22.20
N GLN A 61 -2.13 2.21 -21.69
CA GLN A 61 -2.92 1.13 -22.25
C GLN A 61 -2.16 -0.15 -22.48
N VAL A 62 -1.39 -0.56 -21.48
CA VAL A 62 -0.55 -1.76 -21.57
C VAL A 62 -1.43 -2.97 -21.23
N PRO A 63 -1.45 -3.99 -22.11
CA PRO A 63 -2.06 -5.25 -21.74
C PRO A 63 -1.25 -5.96 -20.66
N ILE A 64 -1.91 -6.33 -19.57
CA ILE A 64 -1.26 -7.02 -18.47
C ILE A 64 -2.26 -8.04 -17.91
N GLU A 65 -1.76 -9.19 -17.46
CA GLU A 65 -2.61 -10.21 -16.89
C GLU A 65 -2.21 -10.31 -15.42
N ILE A 66 -3.17 -10.05 -14.55
CA ILE A 66 -2.87 -10.02 -13.12
C ILE A 66 -3.69 -11.14 -12.56
N CYS A 67 -2.98 -12.16 -12.09
CA CYS A 67 -3.67 -13.22 -11.37
C CYS A 67 -4.81 -13.82 -12.22
N GLY A 68 -4.56 -13.99 -13.51
CA GLY A 68 -5.58 -14.55 -14.42
C GLY A 68 -6.62 -13.60 -14.98
N HIS A 69 -6.53 -12.31 -14.67
CA HIS A 69 -7.45 -11.32 -15.26
C HIS A 69 -6.66 -10.48 -16.25
N LYS A 70 -7.06 -10.52 -17.52
CA LYS A 70 -6.46 -9.70 -18.58
C LYS A 70 -7.10 -8.33 -18.55
N VAL A 71 -6.28 -7.31 -18.35
CA VAL A 71 -6.78 -5.93 -18.27
C VAL A 71 -5.84 -5.02 -19.04
N ILE A 72 -6.17 -3.73 -19.09
CA ILE A 72 -5.39 -2.73 -19.81
C ILE A 72 -5.15 -1.56 -18.87
N GLY A 73 -3.92 -1.10 -18.77
CA GLY A 73 -3.72 0.07 -17.92
C GLY A 73 -2.35 0.69 -18.06
N THR A 74 -2.14 1.82 -17.38
CA THR A 74 -0.85 2.52 -17.39
C THR A 74 0.15 1.76 -16.52
N VAL A 75 1.34 1.54 -17.09
CA VAL A 75 2.42 0.92 -16.35
C VAL A 75 3.59 1.88 -16.38
N LEU A 76 4.16 2.15 -15.20
CA LEU A 76 5.35 2.97 -15.11
C LEU A 76 6.52 1.98 -15.06
N VAL A 77 7.54 2.24 -15.86
CA VAL A 77 8.67 1.30 -15.87
C VAL A 77 9.87 2.05 -15.34
N GLY A 78 10.46 1.52 -14.29
CA GLY A 78 11.65 2.13 -13.73
C GLY A 78 12.03 1.47 -12.43
N PRO A 79 13.06 2.02 -11.78
CA PRO A 79 13.58 1.43 -10.57
C PRO A 79 12.53 1.54 -9.48
N THR A 80 12.30 0.43 -8.83
CA THR A 80 11.42 0.40 -7.69
C THR A 80 11.97 -0.67 -6.78
N PRO A 81 11.99 -0.38 -5.45
CA PRO A 81 12.49 -1.39 -4.53
C PRO A 81 11.78 -2.73 -4.73
N THR A 82 10.46 -2.70 -4.99
CA THR A 82 9.72 -3.93 -5.28
C THR A 82 8.63 -3.61 -6.32
N ASN A 83 8.24 -4.58 -7.14
CA ASN A 83 7.26 -4.35 -8.22
C ASN A 83 5.93 -4.12 -7.57
N VAL A 84 5.22 -3.08 -7.98
CA VAL A 84 3.99 -2.71 -7.30
C VAL A 84 2.85 -2.61 -8.31
N ILE A 85 1.73 -3.27 -8.00
CA ILE A 85 0.44 -3.06 -8.69
C ILE A 85 -0.34 -2.05 -7.85
N GLY A 86 -0.57 -0.87 -8.39
CA GLY A 86 -1.23 0.19 -7.65
C GLY A 86 -2.73 0.21 -7.94
N ARG A 87 -3.39 1.20 -7.37
CA ARG A 87 -4.83 1.26 -7.51
C ARG A 87 -5.31 1.34 -8.95
N ASN A 88 -4.51 1.96 -9.82
CA ASN A 88 -4.93 2.13 -11.21
C ASN A 88 -5.22 0.78 -11.86
N LEU A 89 -4.46 -0.26 -11.54
CA LEU A 89 -4.74 -1.58 -12.12
C LEU A 89 -5.70 -2.39 -11.27
N MET A 90 -5.69 -2.16 -9.95
CA MET A 90 -6.68 -2.86 -9.12
C MET A 90 -8.12 -2.51 -9.49
N THR A 91 -8.37 -1.26 -9.89
CA THR A 91 -9.74 -0.92 -10.34
C THR A 91 -10.12 -1.71 -11.58
N GLN A 92 -9.16 -1.89 -12.47
CA GLN A 92 -9.40 -2.59 -13.75
C GLN A 92 -9.78 -4.05 -13.52
N ILE A 93 -9.11 -4.70 -12.56
CA ILE A 93 -9.45 -6.08 -12.25
C ILE A 93 -10.69 -6.23 -11.36
N GLY A 94 -11.20 -5.09 -10.91
CA GLY A 94 -12.39 -5.02 -10.03
C GLY A 94 -12.08 -5.47 -8.60
N CYS A 95 -10.86 -5.19 -8.16
CA CYS A 95 -10.38 -5.55 -6.82
C CYS A 95 -10.85 -4.53 -5.78
N THR A 96 -11.46 -5.02 -4.71
CA THR A 96 -11.95 -4.16 -3.61
C THR A 96 -11.38 -4.60 -2.27
N LEU A 97 -11.41 -3.70 -1.30
CA LEU A 97 -11.16 -4.05 0.10
C LEU A 97 -12.52 -4.35 0.73
N ASN A 98 -12.58 -5.41 1.53
CA ASN A 98 -13.85 -5.85 2.13
C ASN A 98 -13.67 -6.30 3.56
N PHE A 99 -14.50 -5.81 4.47
CA PHE A 99 -14.54 -6.32 5.85
C PHE A 99 -15.93 -6.09 6.48
CA PRO B 1 -18.07 -2.42 3.94
C PRO B 1 -17.24 -2.94 2.77
N GLN B 2 -17.57 -2.48 1.57
CA GLN B 2 -16.77 -2.79 0.40
C GLN B 2 -16.21 -1.47 -0.11
N ILE B 3 -14.90 -1.43 -0.26
CA ILE B 3 -14.23 -0.16 -0.59
C ILE B 3 -13.59 -0.34 -1.96
N THR B 4 -14.06 0.42 -2.94
CA THR B 4 -13.46 0.35 -4.27
C THR B 4 -12.21 1.24 -4.27
N LEU B 5 -11.40 1.15 -5.32
CA LEU B 5 -10.05 1.71 -5.25
C LEU B 5 -9.79 2.85 -6.25
N TRP B 6 -10.87 3.49 -6.70
CA TRP B 6 -10.74 4.62 -7.62
C TRP B 6 -10.17 5.83 -6.92
N GLN B 7 -10.40 5.91 -5.62
CA GLN B 7 -9.83 6.94 -4.76
C GLN B 7 -8.93 6.26 -3.72
N ARG B 8 -8.09 7.05 -3.06
CA ARG B 8 -7.25 6.49 -1.97
C ARG B 8 -8.16 6.04 -0.84
N PRO B 9 -7.95 4.81 -0.31
CA PRO B 9 -8.86 4.27 0.70
C PRO B 9 -8.56 4.80 2.10
N ILE B 10 -8.95 6.06 2.29
CA ILE B 10 -8.77 6.76 3.56
C ILE B 10 -10.04 6.56 4.41
N VAL B 11 -9.83 6.18 5.66
CA VAL B 11 -10.91 5.85 6.56
C VAL B 11 -10.70 6.60 7.87
N THR B 12 -11.77 6.72 8.64
CA THR B 12 -11.68 7.33 9.97
C THR B 12 -11.35 6.25 10.99
N ILE B 13 -10.42 6.57 11.87
CA ILE B 13 -10.08 5.66 12.95
C ILE B 13 -10.29 6.42 14.25
N LYS B 14 -10.46 5.67 15.34
CA LYS B 14 -10.59 6.23 16.67
C LYS B 14 -9.46 5.61 17.50
N ILE B 15 -8.57 6.45 17.99
CA ILE B 15 -7.41 6.00 18.74
C ILE B 15 -6.88 7.07 19.72
N GLY B 16 -6.44 6.62 20.88
CA GLY B 16 -5.86 7.50 21.92
C GLY B 16 -6.78 8.66 22.25
N GLY B 17 -8.08 8.35 22.33
CA GLY B 17 -9.15 9.35 22.49
C GLY B 17 -9.34 10.39 21.39
N GLN B 18 -8.83 10.13 20.18
CA GLN B 18 -8.93 11.10 19.07
C GLN B 18 -9.49 10.43 17.82
N LEU B 19 -10.20 11.21 16.99
CA LEU B 19 -10.56 10.77 15.64
C LEU B 19 -9.46 11.20 14.68
N LYS B 20 -8.98 10.26 13.86
CA LYS B 20 -7.95 10.53 12.87
C LYS B 20 -8.30 9.85 11.56
N GLU B 21 -7.68 10.30 10.47
CA GLU B 21 -7.86 9.72 9.14
C GLU B 21 -6.62 8.91 8.84
N ALA B 22 -6.79 7.76 8.17
CA ALA B 22 -5.63 6.95 7.82
C ALA B 22 -5.91 6.14 6.56
N LEU B 23 -4.84 5.73 5.90
CA LEU B 23 -4.94 5.07 4.60
C LEU B 23 -4.82 3.57 4.82
N LEU B 24 -5.81 2.82 4.31
CA LEU B 24 -5.75 1.35 4.34
C LEU B 24 -4.73 0.93 3.30
N ASN B 25 -3.57 0.47 3.76
CA ASN B 25 -2.41 0.30 2.90
C ASN B 25 -1.91 -1.14 2.90
N THR B 26 -2.34 -1.92 1.90
CA THR B 26 -1.93 -3.34 1.82
C THR B 26 -0.43 -3.51 1.51
N GLY B 27 0.22 -2.41 1.07
CA GLY B 27 1.64 -2.41 0.81
C GLY B 27 2.46 -2.23 2.06
N ALA B 28 1.80 -1.98 3.19
CA ALA B 28 2.48 -1.66 4.45
C ALA B 28 2.34 -2.81 5.44
N ASP B 29 3.47 -3.28 6.01
CA ASP B 29 3.37 -4.37 6.98
C ASP B 29 2.74 -3.88 8.28
N ASP B 30 3.13 -2.67 8.67
CA ASP B 30 2.81 -2.10 9.97
C ASP B 30 1.93 -0.87 9.89
N THR B 31 1.36 -0.51 11.03
CA THR B 31 0.52 0.68 11.17
C THR B 31 1.34 1.79 11.80
N VAL B 32 1.41 2.94 11.13
CA VAL B 32 2.19 4.08 11.64
C VAL B 32 1.29 5.31 11.67
N LEU B 33 1.23 5.94 12.83
CA LEU B 33 0.42 7.15 13.03
C LEU B 33 1.25 8.26 13.64
N GLU B 34 0.96 9.49 13.20
CA GLU B 34 1.58 10.75 13.63
C GLU B 34 0.70 11.36 14.73
N GLU B 35 1.33 12.03 15.70
CA GLU B 35 0.61 12.88 16.67
C GLU B 35 -0.60 12.24 17.33
N VAL B 36 -0.31 11.10 17.95
CA VAL B 36 -1.23 10.43 18.84
C VAL B 36 -0.42 10.31 20.13
N ASN B 37 -1.07 10.50 21.28
CA ASN B 37 -0.37 10.30 22.54
C ASN B 37 -0.96 9.05 23.19
N LEU B 38 -0.19 7.96 23.19
CA LEU B 38 -0.67 6.71 23.74
C LEU B 38 -0.02 6.48 25.10
N PRO B 39 -0.80 5.92 26.06
CA PRO B 39 -0.32 5.66 27.40
C PRO B 39 0.55 4.40 27.53
N GLY B 40 1.38 4.40 28.57
CA GLY B 40 2.04 3.18 28.98
C GLY B 40 3.34 2.90 28.27
N ARG B 41 3.80 1.67 28.37
CA ARG B 41 5.15 1.35 27.94
C ARG B 41 5.23 1.14 26.43
N TRP B 42 6.41 1.37 25.89
CA TRP B 42 6.69 1.19 24.47
C TRP B 42 8.13 0.78 24.33
N LYS B 43 8.50 0.29 23.14
CA LYS B 43 9.90 0.07 22.84
C LYS B 43 10.19 0.71 21.49
N PRO B 44 11.44 1.18 21.30
CA PRO B 44 11.82 1.74 20.01
C PRO B 44 11.80 0.65 18.93
N LYS B 45 11.49 1.06 17.71
CA LYS B 45 11.52 0.18 16.57
C LYS B 45 12.13 1.02 15.46
N LEU B 46 12.99 0.39 14.65
CA LEU B 46 13.53 1.03 13.45
C LEU B 46 12.71 0.58 12.26
N ILE B 47 12.17 1.53 11.50
CA ILE B 47 11.39 1.19 10.32
C ILE B 47 11.96 1.87 9.07
N GLY B 48 11.42 1.54 7.90
CA GLY B 48 11.93 2.16 6.67
C GLY B 48 13.23 1.47 6.32
N GLY B 49 14.29 2.25 6.13
CA GLY B 49 15.61 1.65 5.97
C GLY B 49 16.34 2.09 4.71
N ILE B 50 15.58 2.48 3.70
CA ILE B 50 16.22 2.90 2.44
C ILE B 50 16.73 4.31 2.65
N GLY B 51 18.06 4.44 2.70
CA GLY B 51 18.70 5.74 2.98
C GLY B 51 18.93 6.02 4.46
N GLY B 52 18.53 5.06 5.29
CA GLY B 52 18.62 5.20 6.75
C GLY B 52 17.32 4.69 7.31
N PHE B 53 17.31 4.37 8.59
CA PHE B 53 16.08 3.97 9.25
C PHE B 53 15.48 5.14 9.98
N VAL B 54 14.18 5.05 10.25
CA VAL B 54 13.47 5.99 11.13
C VAL B 54 13.14 5.30 12.45
N LYS B 55 13.42 5.98 13.57
CA LYS B 55 13.06 5.40 14.86
C LYS B 55 11.64 5.84 15.27
N VAL B 56 10.83 4.86 15.65
CA VAL B 56 9.48 5.15 16.11
C VAL B 56 9.27 4.42 17.45
N ARG B 57 8.15 4.70 18.10
CA ARG B 57 7.81 4.01 19.33
C ARG B 57 6.78 2.96 19.00
N GLN B 58 7.07 1.74 19.41
CA GLN B 58 6.14 0.64 19.19
C GLN B 58 5.27 0.44 20.44
N TYR B 59 3.96 0.61 20.26
CA TYR B 59 2.99 0.29 21.32
C TYR B 59 2.24 -0.96 20.97
N ASP B 60 2.13 -1.88 21.93
CA ASP B 60 1.46 -3.15 21.67
C ASP B 60 0.06 -3.18 22.19
N GLN B 61 -0.74 -4.05 21.59
CA GLN B 61 -2.11 -4.29 22.04
C GLN B 61 -2.92 -3.02 22.26
N VAL B 62 -2.82 -2.07 21.32
CA VAL B 62 -3.55 -0.82 21.37
C VAL B 62 -4.98 -1.03 20.90
N PRO B 63 -6.00 -0.65 21.72
CA PRO B 63 -7.36 -0.60 21.22
C PRO B 63 -7.51 0.52 20.21
N ILE B 64 -8.06 0.19 19.06
CA ILE B 64 -8.26 1.14 17.99
C ILE B 64 -9.58 0.74 17.29
N GLU B 65 -10.33 1.74 16.83
CA GLU B 65 -11.56 1.50 16.11
C GLU B 65 -11.36 1.99 14.68
N ILE B 66 -11.58 1.10 13.70
CA ILE B 66 -11.39 1.41 12.29
C ILE B 66 -12.71 1.12 11.61
N CYS B 67 -13.35 2.14 11.06
CA CYS B 67 -14.71 2.01 10.52
C CYS B 67 -15.69 1.37 11.50
N GLY B 68 -15.57 1.71 12.77
CA GLY B 68 -16.42 1.06 13.79
C GLY B 68 -16.21 -0.44 13.96
N HIS B 69 -15.01 -0.93 13.65
CA HIS B 69 -14.61 -2.25 14.10
C HIS B 69 -13.58 -1.98 15.18
N LYS B 70 -13.92 -2.34 16.43
CA LYS B 70 -12.99 -2.25 17.56
C LYS B 70 -12.09 -3.46 17.50
N THR B 71 -10.79 -3.21 17.39
CA THR B 71 -9.80 -4.28 17.35
C THR B 71 -8.63 -3.91 18.25
N ILE B 72 -7.64 -4.79 18.34
CA ILE B 72 -6.45 -4.57 19.17
C ILE B 72 -5.25 -4.85 18.33
N GLY B 73 -4.24 -3.98 18.35
CA GLY B 73 -3.03 -4.35 17.59
C GLY B 73 -1.90 -3.39 17.85
N THR B 74 -0.74 -3.69 17.27
CA THR B 74 0.44 -2.85 17.43
C THR B 74 0.31 -1.58 16.61
N VAL B 75 0.63 -0.45 17.24
CA VAL B 75 0.61 0.84 16.56
C VAL B 75 2.01 1.43 16.73
N LEU B 76 2.63 1.85 15.62
CA LEU B 76 3.90 2.53 15.69
C LEU B 76 3.54 4.02 15.67
N VAL B 77 4.18 4.77 16.56
CA VAL B 77 3.86 6.20 16.64
C VAL B 77 5.12 6.95 16.26
N GLY B 78 5.02 7.79 15.23
CA GLY B 78 6.18 8.56 14.80
C GLY B 78 5.87 9.27 13.51
N PRO B 79 6.90 9.91 12.93
CA PRO B 79 6.73 10.71 11.73
C PRO B 79 6.43 9.81 10.57
N THR B 80 5.40 10.17 9.84
CA THR B 80 5.04 9.45 8.65
C THR B 80 4.44 10.47 7.71
N PRO B 81 4.82 10.41 6.41
CA PRO B 81 4.25 11.37 5.49
C PRO B 81 2.73 11.35 5.52
N THR B 82 2.11 10.18 5.72
CA THR B 82 0.63 10.07 5.86
C THR B 82 0.30 8.92 6.84
N ASN B 83 -0.83 9.00 7.56
CA ASN B 83 -1.16 7.98 8.59
C ASN B 83 -1.51 6.72 7.84
N VAL B 84 -0.97 5.58 8.29
CA VAL B 84 -1.11 4.37 7.52
C VAL B 84 -1.67 3.25 8.42
N ILE B 85 -2.73 2.59 7.98
CA ILE B 85 -3.20 1.30 8.56
C ILE B 85 -2.57 0.18 7.73
N GLY B 86 -1.68 -0.59 8.33
CA GLY B 86 -1.00 -1.62 7.56
C GLY B 86 -1.68 -2.96 7.74
N ARG B 87 -1.07 -3.99 7.16
CA ARG B 87 -1.69 -5.31 7.19
C ARG B 87 -1.93 -5.83 8.59
N ASN B 88 -1.09 -5.46 9.55
CA ASN B 88 -1.24 -5.96 10.92
C ASN B 88 -2.61 -5.65 11.48
N LEU B 89 -3.18 -4.48 11.18
CA LEU B 89 -4.52 -4.16 11.66
C LEU B 89 -5.60 -4.60 10.68
N MET B 90 -5.29 -4.61 9.38
CA MET B 90 -6.30 -5.13 8.43
C MET B 90 -6.69 -6.59 8.69
N THR B 91 -5.73 -7.40 9.13
CA THR B 91 -6.11 -8.78 9.47
C THR B 91 -7.07 -8.81 10.65
N GLN B 92 -6.84 -7.92 11.62
CA GLN B 92 -7.69 -7.87 12.82
C GLN B 92 -9.14 -7.54 12.49
N ILE B 93 -9.34 -6.61 11.55
CA ILE B 93 -10.70 -6.24 11.16
C ILE B 93 -11.31 -7.24 10.16
N GLY B 94 -10.50 -8.20 9.73
CA GLY B 94 -10.91 -9.22 8.74
C GLY B 94 -11.03 -8.65 7.33
N CYS B 95 -10.20 -7.66 7.03
CA CYS B 95 -10.17 -7.01 5.72
C CYS B 95 -9.43 -7.88 4.70
N THR B 96 -10.05 -8.11 3.55
CA THR B 96 -9.44 -8.88 2.48
C THR B 96 -9.46 -8.14 1.17
N LEU B 97 -8.58 -8.53 0.25
CA LEU B 97 -8.66 -8.08 -1.14
C LEU B 97 -9.50 -9.10 -1.91
N ASN B 98 -10.45 -8.61 -2.71
CA ASN B 98 -11.37 -9.49 -3.46
C ASN B 98 -11.53 -9.04 -4.91
N PHE B 99 -11.42 -9.98 -5.84
CA PHE B 99 -11.75 -9.74 -7.26
C PHE B 99 -12.11 -11.05 -8.00
N LYS C 1 9.13 -1.66 3.11
CA LYS C 1 8.31 -2.57 3.98
C LYS C 1 6.79 -2.13 3.82
N VAL C 2 6.23 -1.78 4.98
CA VAL C 2 5.25 -0.61 5.04
C VAL C 2 5.41 0.43 3.86
N LEU C 3 4.47 0.48 2.91
CA LEU C 3 4.74 1.01 1.52
C LEU C 3 3.67 1.92 0.83
N PHE C 4 4.00 3.19 0.61
CA PHE C 4 3.03 4.08 -0.07
C PHE C 4 3.24 4.17 -1.60
N LEU C 5 2.77 5.28 -2.19
CA LEU C 5 3.11 5.73 -3.55
C LEU C 5 2.12 6.86 -3.84
N ASP C 6 2.39 8.05 -3.30
CA ASP C 6 1.64 9.23 -3.70
C ASP C 6 1.75 9.32 -5.22
N GLY C 7 0.82 10.01 -5.88
CA GLY C 7 0.86 10.14 -7.35
C GLY C 7 -0.32 10.85 -7.97
#